data_1N4O
#
_entry.id   1N4O
#
_cell.length_a   135.503
_cell.length_b   135.503
_cell.length_c   94.856
_cell.angle_alpha   90.00
_cell.angle_beta   90.00
_cell.angle_gamma   90.00
#
_symmetry.space_group_name_H-M   'P 41 21 2'
#
loop_
_entity.id
_entity.type
_entity.pdbx_description
1 polymer 'L2 beta-lactamase'
2 non-polymer 'SULFATE ION'
3 water water
#
_entity_poly.entity_id   1
_entity_poly.type   'polypeptide(L)'
_entity_poly.pdbx_seq_one_letter_code
;AGKATANAPTDAAITAASDFAALEKACAGRLGVTLLDTASGRRIGHRQDERFPMCSTFKSMLAATVLSQAERMPALLDRR
VPVGEADLLSHAPVTRRHAGKDMTVRDLCRATIITSDNTAANLLFGVVGGPPAVTAFLRASGDTVSRSDRLEPELNSFAK
GDPRDTTTPAAMAATLQRVVLGEVLQPASRQQLADWLIDNETGDACLRAGLGKRWRVGDKTGSNGEDARNDIAVLWPVAG
GAPWVLTAYLQAGAISYEQRASVLAQVGRIADRLIG
;
_entity_poly.pdbx_strand_id   A,B
#
loop_
_chem_comp.id
_chem_comp.type
_chem_comp.name
_chem_comp.formula
SO4 non-polymer 'SULFATE ION' 'O4 S -2'
#
# COMPACT_ATOMS: atom_id res chain seq x y z
N THR A 10 -18.42 -29.05 -10.92
CA THR A 10 -18.88 -27.73 -11.43
C THR A 10 -18.99 -26.68 -10.34
N ASP A 11 -19.33 -25.48 -10.76
CA ASP A 11 -19.54 -24.38 -9.86
C ASP A 11 -20.68 -24.70 -8.91
N ALA A 12 -21.72 -25.37 -9.42
CA ALA A 12 -22.88 -25.67 -8.59
C ALA A 12 -22.54 -26.64 -7.47
N ALA A 13 -21.69 -27.61 -7.77
CA ALA A 13 -21.34 -28.62 -6.79
C ALA A 13 -20.46 -27.99 -5.67
N ILE A 14 -19.58 -27.07 -6.06
CA ILE A 14 -18.74 -26.32 -5.07
C ILE A 14 -19.65 -25.56 -4.12
N THR A 15 -20.60 -24.82 -4.68
CA THR A 15 -21.49 -24.00 -3.85
C THR A 15 -22.44 -24.84 -2.95
N ALA A 16 -22.76 -26.06 -3.38
CA ALA A 16 -23.70 -26.90 -2.61
C ALA A 16 -23.04 -27.68 -1.47
N ALA A 17 -21.72 -27.75 -1.49
CA ALA A 17 -20.98 -28.56 -0.54
C ALA A 17 -21.17 -28.10 0.88
N SER A 18 -21.64 -28.98 1.77
CA SER A 18 -21.88 -28.61 3.15
C SER A 18 -20.76 -29.03 4.11
N ASP A 19 -19.75 -29.75 3.62
CA ASP A 19 -18.67 -30.11 4.50
C ASP A 19 -17.43 -30.20 3.67
N PHE A 20 -16.27 -30.28 4.32
CA PHE A 20 -15.01 -30.26 3.56
C PHE A 20 -14.80 -31.45 2.62
N ALA A 21 -15.31 -32.60 2.97
CA ALA A 21 -15.13 -33.74 2.08
C ALA A 21 -15.96 -33.58 0.84
N ALA A 22 -17.17 -33.08 0.98
CA ALA A 22 -18.00 -32.85 -0.21
C ALA A 22 -17.35 -31.79 -1.10
N LEU A 23 -16.73 -30.79 -0.47
CA LEU A 23 -16.07 -29.73 -1.24
C LEU A 23 -14.89 -30.29 -2.01
N GLU A 24 -14.11 -31.14 -1.35
CA GLU A 24 -12.99 -31.74 -2.01
C GLU A 24 -13.47 -32.60 -3.19
N LYS A 25 -14.56 -33.34 -2.98
CA LYS A 25 -15.08 -34.18 -4.06
C LYS A 25 -15.59 -33.35 -5.25
N ALA A 26 -16.16 -32.18 -4.98
CA ALA A 26 -16.73 -31.34 -6.02
C ALA A 26 -15.68 -30.82 -7.00
N CYS A 27 -14.46 -30.60 -6.52
CA CYS A 27 -13.40 -30.10 -7.37
C CYS A 27 -12.41 -31.16 -7.74
N ALA A 28 -12.68 -32.39 -7.34
CA ALA A 28 -11.84 -33.57 -7.63
C ALA A 28 -10.41 -33.32 -7.18
N GLY A 29 -10.23 -32.64 -6.07
CA GLY A 29 -8.89 -32.25 -5.66
C GLY A 29 -8.44 -32.85 -4.35
N ARG A 30 -7.50 -32.16 -3.68
CA ARG A 30 -7.02 -32.60 -2.40
C ARG A 30 -7.02 -31.31 -1.56
N LEU A 31 -7.79 -31.30 -0.50
CA LEU A 31 -7.98 -30.08 0.30
C LEU A 31 -7.48 -30.34 1.68
N GLY A 32 -6.83 -29.34 2.31
CA GLY A 32 -6.31 -29.51 3.66
C GLY A 32 -6.76 -28.27 4.44
N VAL A 33 -7.44 -28.46 5.58
CA VAL A 33 -7.97 -27.35 6.32
C VAL A 33 -7.79 -27.55 7.81
N THR A 34 -7.42 -26.48 8.52
CA THR A 34 -7.55 -26.48 9.97
C THR A 34 -8.27 -25.24 10.39
N LEU A 35 -9.29 -25.37 11.26
CA LEU A 35 -9.97 -24.21 11.85
C LEU A 35 -9.68 -24.33 13.33
N LEU A 36 -9.00 -23.34 13.88
CA LEU A 36 -8.52 -23.41 15.24
C LEU A 36 -9.11 -22.33 16.12
N ASP A 37 -9.67 -22.71 17.27
CA ASP A 37 -10.26 -21.75 18.17
C ASP A 37 -9.17 -21.42 19.15
N THR A 38 -8.70 -20.18 19.15
CA THR A 38 -7.54 -19.92 20.01
C THR A 38 -7.91 -19.85 21.47
N ALA A 39 -9.18 -19.71 21.78
CA ALA A 39 -9.57 -19.64 23.21
C ALA A 39 -9.44 -21.02 23.86
N SER A 40 -9.90 -22.05 23.14
CA SER A 40 -9.89 -23.42 23.67
C SER A 40 -8.77 -24.32 23.20
N GLY A 41 -8.21 -24.08 22.02
CA GLY A 41 -7.20 -24.97 21.52
C GLY A 41 -7.82 -26.08 20.67
N ARG A 42 -9.16 -26.14 20.65
CA ARG A 42 -9.83 -27.16 19.84
C ARG A 42 -9.76 -26.87 18.31
N ARG A 43 -9.57 -27.91 17.51
CA ARG A 43 -9.44 -27.73 16.11
C ARG A 43 -10.39 -28.58 15.35
N ILE A 44 -10.87 -28.05 14.26
CA ILE A 44 -11.68 -28.83 13.37
C ILE A 44 -10.88 -28.97 12.09
N GLY A 45 -10.53 -30.17 11.61
CA GLY A 45 -9.60 -30.29 10.47
C GLY A 45 -10.09 -31.23 9.39
N HIS A 46 -9.37 -31.23 8.29
CA HIS A 46 -9.63 -32.12 7.14
C HIS A 46 -8.28 -32.29 6.51
N ARG A 47 -7.74 -33.51 6.61
CA ARG A 47 -6.35 -33.83 6.09
C ARG A 47 -5.38 -32.88 6.74
N GLN A 48 -5.56 -32.58 8.02
CA GLN A 48 -4.77 -31.46 8.58
C GLN A 48 -3.34 -31.82 8.85
N ASP A 49 -3.05 -33.12 8.81
CA ASP A 49 -1.66 -33.54 9.01
C ASP A 49 -0.97 -33.98 7.71
N GLU A 50 -1.56 -33.73 6.55
CA GLU A 50 -0.89 -34.06 5.28
C GLU A 50 -0.08 -32.84 4.80
N ARG A 51 1.04 -33.09 4.12
CA ARG A 51 1.85 -31.97 3.59
C ARG A 51 1.30 -31.39 2.33
N PHE A 52 1.40 -30.06 2.20
CA PHE A 52 0.99 -29.35 1.01
C PHE A 52 2.11 -28.29 0.76
N PRO A 53 2.28 -27.85 -0.46
CA PRO A 53 3.32 -26.85 -0.71
C PRO A 53 2.89 -25.53 -0.15
N MET A 54 3.78 -24.85 0.57
CA MET A 54 3.34 -23.55 1.07
C MET A 54 3.06 -22.48 -0.01
N CYS A 55 3.82 -22.51 -1.09
CA CYS A 55 3.82 -21.43 -2.07
C CYS A 55 3.99 -20.12 -1.31
N SER A 56 3.32 -19.06 -1.73
CA SER A 56 3.57 -17.76 -1.09
C SER A 56 3.08 -17.64 0.36
N THR A 57 2.37 -18.65 0.89
CA THR A 57 2.00 -18.49 2.31
C THR A 57 3.25 -18.41 3.18
N PHE A 58 4.40 -18.92 2.69
CA PHE A 58 5.63 -18.87 3.52
C PHE A 58 6.06 -17.40 3.76
N LYS A 59 5.58 -16.46 2.92
CA LYS A 59 6.07 -15.07 3.07
C LYS A 59 5.69 -14.46 4.40
N SER A 60 4.56 -14.89 4.96
CA SER A 60 4.20 -14.48 6.32
C SER A 60 5.30 -14.77 7.34
N MET A 61 5.94 -15.91 7.21
CA MET A 61 6.98 -16.30 8.15
C MET A 61 8.34 -15.74 7.76
N LEU A 62 8.53 -15.45 6.47
CA LEU A 62 9.76 -14.73 6.09
C LEU A 62 9.71 -13.35 6.73
N ALA A 63 8.57 -12.70 6.65
CA ALA A 63 8.44 -11.38 7.29
C ALA A 63 8.65 -11.48 8.79
N ALA A 64 8.14 -12.52 9.43
CA ALA A 64 8.28 -12.71 10.87
C ALA A 64 9.74 -12.92 11.24
N THR A 65 10.46 -13.61 10.37
CA THR A 65 11.88 -13.85 10.60
C THR A 65 12.64 -12.51 10.60
N VAL A 66 12.29 -11.63 9.65
CA VAL A 66 12.91 -10.31 9.61
C VAL A 66 12.57 -9.57 10.91
N LEU A 67 11.31 -9.55 11.31
CA LEU A 67 10.97 -8.80 12.53
C LEU A 67 11.73 -9.34 13.75
N SER A 68 11.84 -10.66 13.82
CA SER A 68 12.53 -11.28 14.97
C SER A 68 14.00 -10.85 14.99
N GLN A 69 14.64 -10.82 13.85
CA GLN A 69 16.05 -10.33 13.79
C GLN A 69 16.13 -8.83 14.13
N ALA A 70 15.11 -8.08 13.73
CA ALA A 70 15.15 -6.66 14.01
C ALA A 70 14.94 -6.35 15.50
N GLU A 71 14.42 -7.29 16.25
CA GLU A 71 14.28 -7.06 17.67
C GLU A 71 15.64 -6.93 18.36
N ARG A 72 16.65 -7.59 17.80
CA ARG A 72 18.01 -7.50 18.36
C ARG A 72 18.84 -6.42 17.66
N MET A 73 18.38 -5.96 16.48
CA MET A 73 19.09 -4.91 15.73
C MET A 73 18.05 -4.04 15.03
N PRO A 74 17.44 -3.10 15.76
CA PRO A 74 16.25 -2.39 15.24
C PRO A 74 16.52 -1.56 14.00
N ALA A 75 17.76 -1.09 13.82
CA ALA A 75 18.09 -0.39 12.58
C ALA A 75 17.91 -1.25 11.31
N LEU A 76 17.80 -2.56 11.48
CA LEU A 76 17.62 -3.48 10.32
C LEU A 76 16.42 -3.06 9.47
N LEU A 77 15.33 -2.68 10.12
CA LEU A 77 14.10 -2.35 9.33
C LEU A 77 14.24 -1.14 8.44
N ASP A 78 15.14 -0.22 8.82
CA ASP A 78 15.40 0.96 8.02
C ASP A 78 16.54 0.82 7.02
N ARG A 79 17.26 -0.26 7.10
CA ARG A 79 18.32 -0.54 6.11
C ARG A 79 17.76 -0.58 4.70
N ARG A 80 18.48 -0.04 3.73
CA ARG A 80 17.98 -0.05 2.34
C ARG A 80 18.71 -1.08 1.50
N VAL A 81 17.99 -1.77 0.65
CA VAL A 81 18.56 -2.82 -0.19
C VAL A 81 18.26 -2.42 -1.62
N PRO A 82 19.23 -2.54 -2.51
CA PRO A 82 19.01 -2.17 -3.90
C PRO A 82 18.14 -3.13 -4.67
N VAL A 83 17.35 -2.56 -5.58
CA VAL A 83 16.53 -3.37 -6.46
C VAL A 83 17.01 -3.13 -7.86
N GLY A 84 17.47 -4.19 -8.50
CA GLY A 84 17.92 -4.04 -9.86
C GLY A 84 16.95 -4.60 -10.89
N GLU A 85 16.99 -4.04 -12.10
CA GLU A 85 16.16 -4.55 -13.18
C GLU A 85 16.32 -6.07 -13.38
N ALA A 86 17.55 -6.56 -13.18
CA ALA A 86 17.82 -7.97 -13.39
C ALA A 86 17.26 -8.86 -12.32
N ASP A 87 16.87 -8.23 -11.20
CA ASP A 87 16.32 -9.01 -10.09
C ASP A 87 14.81 -9.17 -10.24
N LEU A 88 14.21 -8.45 -11.17
CA LEU A 88 12.75 -8.50 -11.29
C LEU A 88 12.23 -9.83 -11.77
N LEU A 89 11.25 -10.38 -11.05
CA LEU A 89 10.67 -11.63 -11.48
C LEU A 89 9.29 -11.35 -11.94
N SER A 90 8.64 -12.33 -12.54
CA SER A 90 7.21 -12.15 -12.75
C SER A 90 6.53 -11.99 -11.37
N HIS A 91 5.57 -11.10 -11.38
CA HIS A 91 4.80 -10.67 -10.21
C HIS A 91 5.69 -10.01 -9.13
N ALA A 92 6.07 -8.80 -9.46
CA ALA A 92 6.90 -7.98 -8.60
C ALA A 92 6.34 -6.57 -8.74
N PRO A 93 5.11 -6.41 -8.32
CA PRO A 93 4.37 -5.16 -8.59
C PRO A 93 4.93 -3.94 -7.88
N VAL A 94 5.46 -4.12 -6.65
CA VAL A 94 5.97 -2.96 -5.94
C VAL A 94 7.43 -2.73 -6.27
N THR A 95 8.24 -3.78 -6.23
CA THR A 95 9.66 -3.58 -6.48
C THR A 95 9.90 -3.08 -7.91
N ARG A 96 9.05 -3.46 -8.87
CA ARG A 96 9.25 -2.97 -10.27
C ARG A 96 9.30 -1.41 -10.30
N ARG A 97 8.52 -0.74 -9.43
CA ARG A 97 8.57 0.76 -9.45
C ARG A 97 9.88 1.34 -8.94
N HIS A 98 10.63 0.53 -8.24
CA HIS A 98 11.82 1.02 -7.60
C HIS A 98 13.12 0.41 -8.21
N ALA A 99 13.00 -0.16 -9.40
CA ALA A 99 14.19 -0.72 -10.01
C ALA A 99 15.18 0.38 -10.36
N GLY A 100 16.45 0.14 -10.07
CA GLY A 100 17.49 1.15 -10.24
C GLY A 100 17.68 2.01 -9.02
N LYS A 101 16.85 1.78 -7.96
CA LYS A 101 17.05 2.52 -6.73
C LYS A 101 16.94 1.49 -5.59
N ASP A 102 16.54 1.90 -4.39
CA ASP A 102 16.53 0.93 -3.30
C ASP A 102 15.27 1.11 -2.46
N MET A 103 15.04 0.19 -1.56
CA MET A 103 13.85 0.23 -0.69
C MET A 103 14.25 -0.16 0.71
N THR A 104 13.51 0.30 1.72
CA THR A 104 13.85 -0.19 3.07
C THR A 104 13.42 -1.63 3.27
N VAL A 105 14.06 -2.30 4.23
CA VAL A 105 13.67 -3.70 4.54
C VAL A 105 12.19 -3.73 4.99
N ARG A 106 11.79 -2.75 5.79
CA ARG A 106 10.40 -2.70 6.25
C ARG A 106 9.42 -2.61 5.06
N ASP A 107 9.72 -1.77 4.06
CA ASP A 107 8.79 -1.66 2.89
C ASP A 107 8.83 -2.92 2.01
N LEU A 108 10.00 -3.58 1.96
CA LEU A 108 10.06 -4.89 1.27
C LEU A 108 9.15 -5.90 2.00
N CYS A 109 9.15 -5.91 3.36
CA CYS A 109 8.28 -6.84 4.09
C CYS A 109 6.82 -6.57 3.73
N ARG A 110 6.46 -5.29 3.83
CA ARG A 110 5.04 -4.97 3.51
C ARG A 110 4.71 -5.44 2.08
N ALA A 111 5.58 -5.13 1.12
CA ALA A 111 5.29 -5.49 -0.26
C ALA A 111 5.12 -6.99 -0.44
N THR A 112 5.96 -7.76 0.24
CA THR A 112 5.89 -9.21 -0.05
C THR A 112 4.66 -9.81 0.59
N ILE A 113 4.16 -9.17 1.63
CA ILE A 113 2.90 -9.71 2.17
C ILE A 113 1.69 -9.24 1.42
N ILE A 114 1.54 -7.93 1.25
CA ILE A 114 0.24 -7.47 0.74
C ILE A 114 0.06 -7.61 -0.77
N THR A 115 1.17 -7.72 -1.54
CA THR A 115 1.04 -7.93 -3.00
C THR A 115 1.69 -9.25 -3.41
N SER A 116 2.29 -9.96 -2.44
CA SER A 116 2.98 -11.22 -2.74
C SER A 116 4.22 -11.01 -3.68
N ASP A 117 4.78 -9.80 -3.64
CA ASP A 117 5.89 -9.44 -4.55
C ASP A 117 7.03 -10.47 -4.44
N ASN A 118 7.38 -11.10 -5.54
CA ASN A 118 8.40 -12.17 -5.44
C ASN A 118 9.84 -11.66 -5.37
N THR A 119 10.10 -10.55 -6.04
CA THR A 119 11.46 -9.98 -5.95
C THR A 119 11.73 -9.51 -4.51
N ALA A 120 10.77 -8.86 -3.90
CA ALA A 120 10.91 -8.46 -2.49
C ALA A 120 11.27 -9.64 -1.62
N ALA A 121 10.59 -10.77 -1.84
CA ALA A 121 10.89 -11.93 -1.05
C ALA A 121 12.33 -12.34 -1.21
N ASN A 122 12.85 -12.39 -2.45
CA ASN A 122 14.24 -12.90 -2.63
C ASN A 122 15.22 -11.96 -2.00
N LEU A 123 14.99 -10.67 -2.12
CA LEU A 123 15.90 -9.71 -1.47
C LEU A 123 15.91 -9.90 0.03
N LEU A 124 14.71 -10.10 0.62
CA LEU A 124 14.67 -10.35 2.07
C LEU A 124 15.31 -11.67 2.48
N PHE A 125 15.22 -12.71 1.64
CA PHE A 125 15.99 -13.93 1.94
C PHE A 125 17.48 -13.59 2.07
N GLY A 126 17.97 -12.74 1.20
CA GLY A 126 19.39 -12.37 1.27
C GLY A 126 19.74 -11.67 2.58
N VAL A 127 18.85 -10.84 3.04
CA VAL A 127 19.05 -10.07 4.25
C VAL A 127 19.03 -10.95 5.53
N VAL A 128 18.13 -11.96 5.55
CA VAL A 128 17.95 -12.68 6.82
C VAL A 128 18.79 -13.96 6.91
N GLY A 129 19.41 -14.38 5.82
CA GLY A 129 20.18 -15.64 5.91
C GLY A 129 19.49 -16.82 5.25
N GLY A 130 18.64 -16.55 4.27
CA GLY A 130 18.13 -17.57 3.39
C GLY A 130 17.11 -18.56 4.02
N PRO A 131 16.77 -19.59 3.26
CA PRO A 131 15.84 -20.63 3.76
C PRO A 131 16.23 -21.28 5.11
N PRO A 132 17.53 -21.51 5.40
CA PRO A 132 17.90 -22.02 6.71
C PRO A 132 17.51 -21.04 7.83
N ALA A 133 17.68 -19.73 7.67
CA ALA A 133 17.23 -18.76 8.67
C ALA A 133 15.75 -18.84 8.94
N VAL A 134 14.94 -18.92 7.90
CA VAL A 134 13.51 -19.02 8.07
C VAL A 134 13.18 -20.35 8.76
N THR A 135 13.82 -21.44 8.32
CA THR A 135 13.58 -22.70 9.00
C THR A 135 13.98 -22.64 10.47
N ALA A 136 15.15 -22.02 10.76
CA ALA A 136 15.58 -21.90 12.15
C ALA A 136 14.56 -21.13 13.00
N PHE A 137 13.99 -20.08 12.42
CA PHE A 137 12.98 -19.30 13.14
C PHE A 137 11.72 -20.19 13.41
N LEU A 138 11.33 -20.95 12.41
CA LEU A 138 10.18 -21.83 12.59
C LEU A 138 10.43 -22.85 13.70
N ARG A 139 11.62 -23.48 13.66
CA ARG A 139 11.94 -24.46 14.69
C ARG A 139 11.96 -23.80 16.04
N ALA A 140 12.54 -22.62 16.11
CA ALA A 140 12.64 -21.90 17.37
C ALA A 140 11.26 -21.54 17.94
N SER A 141 10.31 -21.32 17.03
CA SER A 141 8.97 -21.00 17.44
C SER A 141 8.14 -22.23 17.85
N GLY A 142 8.67 -23.42 17.67
CA GLY A 142 7.97 -24.63 18.08
C GLY A 142 7.39 -25.43 16.93
N ASP A 143 7.66 -25.02 15.69
CA ASP A 143 7.12 -25.74 14.53
C ASP A 143 8.17 -26.68 14.00
N THR A 144 7.95 -28.01 14.17
CA THR A 144 8.96 -28.98 13.69
C THR A 144 8.55 -29.57 12.32
N VAL A 145 7.52 -29.01 11.70
CA VAL A 145 7.01 -29.55 10.46
C VAL A 145 7.27 -28.66 9.27
N SER A 146 6.94 -27.39 9.39
CA SER A 146 7.09 -26.49 8.22
C SER A 146 8.56 -26.32 7.91
N ARG A 147 8.92 -26.16 6.63
CA ARG A 147 10.33 -25.95 6.32
C ARG A 147 10.45 -25.11 5.06
N SER A 148 11.49 -24.25 5.02
CA SER A 148 11.80 -23.44 3.88
C SER A 148 13.15 -23.95 3.33
N ASP A 149 13.20 -24.19 2.04
CA ASP A 149 14.40 -24.76 1.45
C ASP A 149 14.91 -24.02 0.20
N ARG A 150 13.99 -23.39 -0.55
CA ARG A 150 14.37 -22.76 -1.80
C ARG A 150 13.89 -21.31 -1.90
N LEU A 151 14.35 -20.59 -2.90
CA LEU A 151 13.90 -19.20 -3.13
C LEU A 151 12.86 -19.16 -4.23
N GLU A 152 12.37 -17.93 -4.55
CA GLU A 152 11.39 -17.81 -5.64
C GLU A 152 12.13 -17.82 -6.97
N PRO A 153 11.55 -18.45 -7.98
CA PRO A 153 10.24 -19.11 -7.90
C PRO A 153 10.29 -20.62 -7.75
N GLU A 154 11.48 -21.19 -7.53
CA GLU A 154 11.59 -22.65 -7.43
C GLU A 154 10.85 -23.23 -6.25
N LEU A 155 10.64 -22.45 -5.18
CA LEU A 155 9.99 -23.02 -3.98
C LEU A 155 8.56 -23.45 -4.25
N ASN A 156 8.00 -22.96 -5.34
CA ASN A 156 6.60 -23.26 -5.64
C ASN A 156 6.39 -24.66 -6.22
N SER A 157 7.48 -25.33 -6.57
CA SER A 157 7.42 -26.69 -7.14
C SER A 157 7.00 -27.67 -6.08
N PHE A 158 6.24 -28.69 -6.45
CA PHE A 158 5.85 -29.65 -5.45
C PHE A 158 5.82 -31.02 -6.09
N ALA A 159 6.26 -32.03 -5.35
CA ALA A 159 6.15 -33.40 -5.75
C ALA A 159 5.83 -34.27 -4.55
N LYS A 160 4.91 -35.16 -4.73
CA LYS A 160 4.56 -36.04 -3.64
C LYS A 160 5.80 -36.72 -3.08
N GLY A 161 5.93 -36.69 -1.77
CA GLY A 161 7.07 -37.30 -1.13
C GLY A 161 8.31 -36.42 -0.99
N ASP A 162 8.30 -35.23 -1.61
CA ASP A 162 9.44 -34.27 -1.49
C ASP A 162 8.94 -33.19 -0.53
N PRO A 163 9.45 -33.13 0.70
CA PRO A 163 8.88 -32.23 1.69
C PRO A 163 9.45 -30.80 1.62
N ARG A 164 10.24 -30.50 0.61
CA ARG A 164 10.82 -29.13 0.55
C ARG A 164 9.74 -28.05 0.41
N ASP A 165 9.85 -27.00 1.24
CA ASP A 165 8.94 -25.87 1.15
C ASP A 165 7.47 -26.27 1.40
N THR A 166 7.26 -27.22 2.31
CA THR A 166 5.88 -27.65 2.62
C THR A 166 5.53 -27.36 4.07
N THR A 167 4.24 -27.47 4.36
CA THR A 167 3.79 -27.39 5.75
C THR A 167 2.53 -28.34 5.84
N THR A 168 1.87 -28.40 6.99
CA THR A 168 0.59 -29.08 7.02
C THR A 168 -0.39 -28.03 7.49
N PRO A 169 -1.66 -28.19 7.20
CA PRO A 169 -2.62 -27.20 7.67
C PRO A 169 -2.58 -27.04 9.18
N ALA A 170 -2.37 -28.12 9.91
CA ALA A 170 -2.39 -28.02 11.36
C ALA A 170 -1.14 -27.32 11.88
N ALA A 171 0.03 -27.67 11.35
CA ALA A 171 1.25 -27.01 11.77
C ALA A 171 1.19 -25.53 11.50
N MET A 172 0.75 -25.14 10.28
CA MET A 172 0.75 -23.70 9.95
C MET A 172 -0.30 -22.95 10.84
N ALA A 173 -1.44 -23.58 11.15
CA ALA A 173 -2.40 -22.92 12.01
C ALA A 173 -1.79 -22.65 13.41
N ALA A 174 -1.08 -23.63 13.96
CA ALA A 174 -0.48 -23.46 15.30
C ALA A 174 0.60 -22.41 15.25
N THR A 175 1.35 -22.41 14.15
CA THR A 175 2.41 -21.39 14.02
C THR A 175 1.84 -19.99 13.85
N LEU A 176 0.76 -19.85 13.07
CA LEU A 176 0.14 -18.52 12.98
C LEU A 176 -0.31 -18.06 14.34
N GLN A 177 -0.91 -18.97 15.11
CA GLN A 177 -1.36 -18.57 16.44
C GLN A 177 -0.16 -18.10 17.30
N ARG A 178 0.92 -18.86 17.30
CA ARG A 178 2.03 -18.50 18.17
C ARG A 178 2.72 -17.20 17.74
N VAL A 179 2.85 -17.00 16.42
CA VAL A 179 3.65 -15.89 15.91
C VAL A 179 2.82 -14.60 15.80
N VAL A 180 1.59 -14.73 15.31
CA VAL A 180 0.77 -13.51 15.15
C VAL A 180 0.02 -13.13 16.43
N LEU A 181 -0.34 -14.13 17.23
CA LEU A 181 -1.14 -13.85 18.42
C LEU A 181 -0.41 -14.13 19.75
N GLY A 182 0.65 -14.92 19.70
CA GLY A 182 1.35 -15.33 20.90
C GLY A 182 2.58 -14.55 21.26
N GLU A 183 3.55 -15.20 21.92
CA GLU A 183 4.68 -14.49 22.47
C GLU A 183 6.01 -14.75 21.79
N VAL A 184 5.99 -15.31 20.58
CA VAL A 184 7.25 -15.53 19.85
C VAL A 184 7.92 -14.19 19.54
N LEU A 185 7.10 -13.20 19.12
CA LEU A 185 7.63 -11.87 18.83
C LEU A 185 7.21 -10.91 19.95
N GLN A 186 7.89 -9.77 20.06
CA GLN A 186 7.53 -8.71 21.02
C GLN A 186 6.23 -8.10 20.49
N PRO A 187 5.45 -7.51 21.36
CA PRO A 187 4.16 -6.96 20.96
C PRO A 187 4.24 -6.04 19.78
N ALA A 188 5.16 -5.11 19.72
CA ALA A 188 5.22 -4.20 18.60
C ALA A 188 5.43 -4.94 17.28
N SER A 189 6.25 -5.98 17.31
CA SER A 189 6.54 -6.72 16.09
C SER A 189 5.32 -7.53 15.67
N ARG A 190 4.68 -8.22 16.62
CA ARG A 190 3.55 -9.02 16.15
C ARG A 190 2.41 -8.12 15.68
N GLN A 191 2.28 -6.94 16.25
CA GLN A 191 1.20 -6.05 15.77
C GLN A 191 1.48 -5.53 14.38
N GLN A 192 2.73 -5.20 14.10
CA GLN A 192 3.09 -4.79 12.73
C GLN A 192 2.77 -5.91 11.73
N LEU A 193 3.10 -7.15 12.09
CA LEU A 193 2.84 -8.29 11.18
C LEU A 193 1.31 -8.45 10.96
N ALA A 194 0.54 -8.41 12.04
CA ALA A 194 -0.90 -8.50 11.90
C ALA A 194 -1.41 -7.44 10.99
N ASP A 195 -0.89 -6.20 11.15
CA ASP A 195 -1.45 -5.09 10.31
C ASP A 195 -1.18 -5.34 8.83
N TRP A 196 0.01 -5.85 8.50
CA TRP A 196 0.27 -6.17 7.09
C TRP A 196 -0.72 -7.23 6.59
N LEU A 197 -0.97 -8.27 7.40
CA LEU A 197 -1.93 -9.33 7.00
C LEU A 197 -3.35 -8.74 6.80
N ILE A 198 -3.71 -7.82 7.70
CA ILE A 198 -5.02 -7.15 7.55
C ILE A 198 -5.12 -6.33 6.27
N ASP A 199 -3.99 -5.77 5.83
CA ASP A 199 -3.96 -4.96 4.62
C ASP A 199 -3.75 -5.76 3.37
N ASN A 200 -3.79 -7.08 3.43
CA ASN A 200 -3.52 -7.83 2.21
C ASN A 200 -4.44 -7.50 1.04
N GLU A 201 -3.87 -7.42 -0.15
CA GLU A 201 -4.64 -7.06 -1.33
C GLU A 201 -4.96 -8.25 -2.25
N THR A 202 -4.38 -9.42 -1.99
CA THR A 202 -4.51 -10.48 -3.02
C THR A 202 -5.58 -11.53 -2.75
N GLY A 203 -6.31 -11.38 -1.65
CA GLY A 203 -7.15 -12.47 -1.22
C GLY A 203 -8.67 -12.23 -1.31
N ASP A 204 -9.08 -11.24 -2.08
CA ASP A 204 -10.46 -10.86 -2.01
C ASP A 204 -11.40 -11.95 -2.53
N ALA A 205 -10.92 -12.83 -3.40
CA ALA A 205 -11.80 -13.86 -3.99
C ALA A 205 -11.66 -15.19 -3.26
N CYS A 206 -10.79 -15.22 -2.23
CA CYS A 206 -10.52 -16.48 -1.49
C CYS A 206 -11.30 -16.55 -0.18
N LEU A 207 -10.63 -16.81 0.96
CA LEU A 207 -11.39 -16.97 2.20
C LEU A 207 -12.29 -15.77 2.50
N ARG A 208 -11.78 -14.56 2.26
CA ARG A 208 -12.57 -13.36 2.56
C ARG A 208 -13.91 -13.34 1.86
N ALA A 209 -13.99 -13.93 0.67
CA ALA A 209 -15.24 -13.89 -0.09
C ALA A 209 -16.34 -14.72 0.59
N GLY A 210 -15.94 -15.61 1.46
CA GLY A 210 -16.91 -16.50 2.13
C GLY A 210 -17.19 -16.17 3.56
N LEU A 211 -16.44 -15.23 4.12
CA LEU A 211 -16.56 -14.86 5.53
C LEU A 211 -17.44 -13.64 5.71
N GLY A 212 -18.25 -13.64 6.76
CA GLY A 212 -19.17 -12.54 7.00
C GLY A 212 -18.52 -11.32 7.62
N LYS A 213 -19.32 -10.25 7.70
CA LYS A 213 -18.87 -8.94 8.23
C LYS A 213 -18.47 -8.95 9.69
N ARG A 214 -18.83 -10.00 10.42
CA ARG A 214 -18.43 -10.02 11.82
C ARG A 214 -16.94 -10.20 12.05
N TRP A 215 -16.20 -10.51 10.99
CA TRP A 215 -14.74 -10.74 11.17
C TRP A 215 -13.87 -9.67 10.55
N ARG A 216 -12.90 -9.13 11.29
CA ARG A 216 -11.69 -8.50 10.71
C ARG A 216 -10.71 -9.60 10.26
N VAL A 217 -10.33 -9.66 8.99
CA VAL A 217 -9.52 -10.79 8.54
C VAL A 217 -8.10 -10.32 8.16
N GLY A 218 -7.07 -11.07 8.56
CA GLY A 218 -5.73 -10.85 8.01
C GLY A 218 -5.39 -12.15 7.26
N ASP A 219 -4.87 -12.10 6.04
CA ASP A 219 -4.59 -13.36 5.38
C ASP A 219 -3.40 -13.23 4.48
N LYS A 220 -2.88 -14.37 4.05
CA LYS A 220 -1.79 -14.41 3.04
C LYS A 220 -2.10 -15.57 2.08
N THR A 221 -2.17 -15.28 0.78
CA THR A 221 -2.48 -16.30 -0.21
C THR A 221 -1.19 -16.96 -0.72
N GLY A 222 -1.35 -18.05 -1.45
CA GLY A 222 -0.21 -18.65 -2.17
C GLY A 222 -0.74 -19.46 -3.35
N SER A 223 0.00 -19.56 -4.43
CA SER A 223 -0.45 -20.38 -5.55
C SER A 223 0.76 -20.78 -6.35
N ASN A 224 0.64 -21.78 -7.17
CA ASN A 224 1.66 -22.01 -8.18
C ASN A 224 1.00 -22.14 -9.54
N GLY A 225 1.77 -22.42 -10.60
CA GLY A 225 1.15 -22.46 -11.92
C GLY A 225 0.62 -23.82 -12.32
N GLU A 226 0.68 -24.78 -11.39
CA GLU A 226 0.23 -26.12 -11.72
C GLU A 226 -1.17 -26.35 -11.16
N ASP A 227 -1.29 -26.48 -9.86
CA ASP A 227 -2.62 -26.78 -9.32
C ASP A 227 -2.86 -26.31 -7.93
N ALA A 228 -2.03 -25.44 -7.40
CA ALA A 228 -2.16 -25.18 -5.98
C ALA A 228 -2.67 -23.79 -5.71
N ARG A 229 -3.55 -23.67 -4.71
CA ARG A 229 -4.04 -22.34 -4.36
C ARG A 229 -4.36 -22.41 -2.87
N ASN A 230 -3.72 -21.55 -2.09
CA ASN A 230 -3.83 -21.61 -0.65
C ASN A 230 -4.17 -20.26 -0.06
N ASP A 231 -4.67 -20.25 1.17
CA ASP A 231 -4.91 -18.97 1.85
C ASP A 231 -4.87 -19.29 3.33
N ILE A 232 -4.12 -18.53 4.14
CA ILE A 232 -4.08 -18.75 5.60
C ILE A 232 -4.57 -17.44 6.24
N ALA A 233 -5.32 -17.54 7.34
CA ALA A 233 -5.96 -16.32 7.86
C ALA A 233 -6.16 -16.33 9.35
N VAL A 234 -6.12 -15.12 9.93
CA VAL A 234 -6.46 -14.91 11.30
C VAL A 234 -7.77 -14.13 11.25
N LEU A 235 -8.75 -14.56 12.02
CA LEU A 235 -10.05 -13.89 12.04
C LEU A 235 -10.24 -13.32 13.43
N TRP A 236 -10.35 -12.00 13.52
CA TRP A 236 -10.59 -11.33 14.78
C TRP A 236 -12.08 -10.91 14.78
N PRO A 237 -12.82 -11.20 15.85
CA PRO A 237 -14.24 -10.79 15.88
C PRO A 237 -14.27 -9.29 16.09
N VAL A 238 -14.96 -8.57 15.25
CA VAL A 238 -14.98 -7.11 15.43
C VAL A 238 -15.64 -6.70 16.76
N ALA A 239 -16.54 -7.53 17.26
CA ALA A 239 -17.25 -7.20 18.48
C ALA A 239 -16.45 -7.49 19.71
N GLY A 240 -15.31 -8.15 19.54
CA GLY A 240 -14.46 -8.52 20.65
C GLY A 240 -14.54 -10.01 20.88
N GLY A 241 -13.54 -10.57 21.55
CA GLY A 241 -13.54 -12.01 21.78
C GLY A 241 -12.29 -12.65 21.24
N ALA A 242 -12.23 -13.97 21.33
CA ALA A 242 -11.00 -14.64 20.92
C ALA A 242 -10.95 -14.86 19.40
N PRO A 243 -9.78 -14.68 18.82
CA PRO A 243 -9.65 -14.93 17.38
C PRO A 243 -9.67 -16.41 17.05
N TRP A 244 -9.96 -16.70 15.80
CA TRP A 244 -9.83 -18.01 15.27
C TRP A 244 -8.73 -17.97 14.17
N VAL A 245 -8.12 -19.10 13.89
CA VAL A 245 -7.16 -19.21 12.82
C VAL A 245 -7.69 -20.20 11.81
N LEU A 246 -7.54 -19.93 10.50
CA LEU A 246 -8.08 -20.83 9.52
C LEU A 246 -7.02 -21.00 8.42
N THR A 247 -6.56 -22.21 8.19
CA THR A 247 -5.62 -22.41 7.10
C THR A 247 -6.30 -23.27 6.08
N ALA A 248 -6.01 -23.03 4.79
CA ALA A 248 -6.64 -23.77 3.73
C ALA A 248 -5.64 -23.94 2.60
N TYR A 249 -5.36 -25.19 2.28
CA TYR A 249 -4.42 -25.55 1.20
C TYR A 249 -5.17 -26.42 0.23
N LEU A 250 -5.03 -26.17 -1.07
CA LEU A 250 -5.77 -26.93 -2.07
C LEU A 250 -4.91 -27.22 -3.26
N GLN A 251 -4.98 -28.47 -3.74
CA GLN A 251 -4.42 -28.82 -5.01
C GLN A 251 -5.61 -29.35 -5.83
N ALA A 252 -5.86 -28.72 -6.96
CA ALA A 252 -6.98 -29.16 -7.84
C ALA A 252 -6.71 -28.80 -9.29
N GLY A 253 -5.95 -29.64 -9.97
CA GLY A 253 -5.57 -29.35 -11.34
C GLY A 253 -6.70 -29.45 -12.37
N ALA A 254 -7.82 -30.07 -12.00
CA ALA A 254 -8.91 -30.23 -12.95
C ALA A 254 -9.87 -29.08 -13.00
N ILE A 255 -9.69 -28.06 -12.14
CA ILE A 255 -10.53 -26.89 -12.27
C ILE A 255 -9.62 -25.71 -12.59
N SER A 256 -10.21 -24.58 -12.95
CA SER A 256 -9.43 -23.40 -13.37
C SER A 256 -8.89 -22.63 -12.17
N TYR A 257 -7.90 -21.78 -12.39
CA TYR A 257 -7.37 -20.89 -11.34
C TYR A 257 -8.51 -20.20 -10.61
N GLU A 258 -9.44 -19.65 -11.38
CA GLU A 258 -10.53 -18.90 -10.81
C GLU A 258 -11.41 -19.79 -9.94
N GLN A 259 -11.68 -21.01 -10.42
CA GLN A 259 -12.50 -21.92 -9.66
C GLN A 259 -11.80 -22.34 -8.36
N ARG A 260 -10.47 -22.39 -8.37
CA ARG A 260 -9.77 -22.67 -7.11
C ARG A 260 -10.05 -21.61 -6.06
N ALA A 261 -10.10 -20.34 -6.45
CA ALA A 261 -10.52 -19.30 -5.49
C ALA A 261 -11.94 -19.62 -4.97
N SER A 262 -12.82 -20.10 -5.87
CA SER A 262 -14.20 -20.40 -5.41
C SER A 262 -14.23 -21.46 -4.34
N VAL A 263 -13.37 -22.43 -4.47
CA VAL A 263 -13.28 -23.48 -3.47
C VAL A 263 -12.84 -22.89 -2.16
N LEU A 264 -11.83 -22.00 -2.19
CA LEU A 264 -11.44 -21.38 -0.93
C LEU A 264 -12.52 -20.49 -0.33
N ALA A 265 -13.28 -19.80 -1.18
CA ALA A 265 -14.38 -19.00 -0.64
C ALA A 265 -15.38 -19.92 0.07
N GLN A 266 -15.59 -21.09 -0.52
CA GLN A 266 -16.52 -22.06 0.10
C GLN A 266 -16.00 -22.61 1.44
N VAL A 267 -14.68 -22.76 1.54
CA VAL A 267 -14.12 -23.12 2.83
C VAL A 267 -14.49 -22.06 3.86
N GLY A 268 -14.44 -20.79 3.45
CA GLY A 268 -14.72 -19.70 4.39
C GLY A 268 -16.21 -19.80 4.76
N ARG A 269 -17.09 -20.03 3.84
CA ARG A 269 -18.51 -20.16 4.18
C ARG A 269 -18.79 -21.29 5.15
N ILE A 270 -18.20 -22.44 4.88
CA ILE A 270 -18.39 -23.58 5.79
C ILE A 270 -17.82 -23.26 7.16
N ALA A 271 -16.65 -22.64 7.18
CA ALA A 271 -16.03 -22.30 8.49
C ALA A 271 -16.88 -21.34 9.28
N ASP A 272 -17.43 -20.35 8.60
CA ASP A 272 -18.24 -19.35 9.29
C ASP A 272 -19.45 -20.03 9.98
N ARG A 273 -20.03 -21.01 9.30
CA ARG A 273 -21.15 -21.79 9.92
C ARG A 273 -20.71 -22.63 11.12
N LEU A 274 -19.51 -23.17 11.08
CA LEU A 274 -18.98 -24.00 12.16
C LEU A 274 -18.67 -23.21 13.40
N ILE A 275 -18.37 -21.95 13.25
CA ILE A 275 -18.05 -21.15 14.40
C ILE A 275 -19.33 -20.72 15.08
N GLY A 276 -20.28 -20.29 14.27
CA GLY A 276 -21.55 -19.79 14.80
C GLY A 276 -21.30 -18.61 15.73
N THR B 5 -12.70 31.23 -25.81
CA THR B 5 -12.96 30.54 -24.50
C THR B 5 -14.20 29.62 -24.65
N ALA B 6 -13.95 28.33 -24.64
CA ALA B 6 -14.96 27.32 -24.87
C ALA B 6 -16.37 27.50 -24.25
N ASN B 7 -17.39 27.44 -25.09
CA ASN B 7 -18.72 27.49 -24.56
C ASN B 7 -19.21 26.08 -24.19
N ALA B 8 -18.62 25.08 -24.83
CA ALA B 8 -19.02 23.67 -24.63
C ALA B 8 -17.84 22.74 -24.76
N PRO B 9 -17.01 22.69 -23.72
CA PRO B 9 -15.75 21.93 -23.77
C PRO B 9 -15.94 20.48 -24.11
N THR B 10 -15.07 19.93 -24.93
CA THR B 10 -15.14 18.50 -25.22
C THR B 10 -13.80 17.86 -24.95
N ASP B 11 -13.81 16.55 -24.86
CA ASP B 11 -12.58 15.79 -24.74
C ASP B 11 -11.65 16.12 -25.87
N ALA B 12 -12.19 16.43 -27.05
CA ALA B 12 -11.33 16.54 -28.22
C ALA B 12 -10.58 17.85 -28.20
N ALA B 13 -11.25 18.90 -27.73
CA ALA B 13 -10.63 20.20 -27.64
C ALA B 13 -9.50 20.14 -26.58
N ILE B 14 -9.73 19.40 -25.50
CA ILE B 14 -8.71 19.26 -24.45
C ILE B 14 -7.46 18.58 -24.99
N THR B 15 -7.60 17.44 -25.67
CA THR B 15 -6.41 16.73 -26.11
C THR B 15 -5.71 17.39 -27.29
N ALA B 16 -6.36 18.37 -27.90
CA ALA B 16 -5.77 19.09 -29.01
C ALA B 16 -4.93 20.28 -28.54
N ALA B 17 -5.13 20.71 -27.30
CA ALA B 17 -4.44 21.89 -26.81
C ALA B 17 -2.94 21.67 -26.69
N SER B 18 -2.16 22.58 -27.21
CA SER B 18 -0.73 22.31 -27.25
C SER B 18 0.10 23.21 -26.34
N ASP B 19 -0.51 24.17 -25.64
CA ASP B 19 0.19 24.97 -24.64
C ASP B 19 -0.75 25.18 -23.46
N PHE B 20 -0.24 25.65 -22.34
CA PHE B 20 -1.09 25.74 -21.13
C PHE B 20 -2.20 26.72 -21.27
N ALA B 21 -1.93 27.84 -21.97
CA ALA B 21 -2.96 28.81 -22.09
C ALA B 21 -4.13 28.28 -22.94
N ALA B 22 -3.80 27.58 -24.01
CA ALA B 22 -4.85 27.04 -24.87
C ALA B 22 -5.62 25.94 -24.14
N LEU B 23 -4.92 25.18 -23.28
CA LEU B 23 -5.59 24.11 -22.50
C LEU B 23 -6.56 24.72 -21.51
N GLU B 24 -6.18 25.83 -20.90
CA GLU B 24 -7.09 26.49 -20.00
C GLU B 24 -8.34 26.95 -20.74
N LYS B 25 -8.15 27.57 -21.89
CA LYS B 25 -9.32 28.05 -22.69
C LYS B 25 -10.22 26.90 -23.09
N ALA B 26 -9.63 25.79 -23.48
CA ALA B 26 -10.43 24.61 -23.88
C ALA B 26 -11.30 24.04 -22.81
N CYS B 27 -10.92 24.16 -21.53
CA CYS B 27 -11.80 23.56 -20.54
C CYS B 27 -12.58 24.62 -19.81
N ALA B 28 -12.45 25.86 -20.27
CA ALA B 28 -13.09 27.03 -19.69
C ALA B 28 -12.81 27.13 -18.17
N GLY B 29 -11.56 26.74 -17.81
CA GLY B 29 -11.23 26.73 -16.36
C GLY B 29 -10.14 27.75 -15.99
N ARG B 30 -9.46 27.47 -14.88
CA ARG B 30 -8.34 28.31 -14.39
C ARG B 30 -7.27 27.29 -14.05
N LEU B 31 -6.15 27.37 -14.75
CA LEU B 31 -5.12 26.35 -14.63
C LEU B 31 -3.83 27.01 -14.17
N GLY B 32 -3.21 26.42 -13.16
CA GLY B 32 -1.96 26.93 -12.62
C GLY B 32 -0.95 25.81 -12.72
N VAL B 33 0.17 26.09 -13.37
CA VAL B 33 1.22 25.09 -13.54
C VAL B 33 2.60 25.71 -13.34
N THR B 34 3.49 24.93 -12.74
CA THR B 34 4.89 25.29 -12.66
C THR B 34 5.69 24.05 -13.05
N LEU B 35 6.56 24.17 -14.05
CA LEU B 35 7.50 23.12 -14.43
C LEU B 35 8.89 23.65 -14.04
N LEU B 36 9.56 22.96 -13.14
CA LEU B 36 10.81 23.45 -12.58
C LEU B 36 11.96 22.54 -12.88
N ASP B 37 13.04 23.11 -13.44
CA ASP B 37 14.22 22.34 -13.80
C ASP B 37 15.10 22.48 -12.58
N THR B 38 15.38 21.42 -11.85
CA THR B 38 16.13 21.57 -10.60
C THR B 38 17.61 21.85 -10.80
N ALA B 39 18.10 21.69 -12.04
CA ALA B 39 19.54 21.86 -12.26
C ALA B 39 19.88 23.32 -12.58
N SER B 40 18.96 24.07 -13.14
CA SER B 40 19.22 25.44 -13.54
C SER B 40 18.36 26.40 -12.77
N GLY B 41 17.30 25.88 -12.18
CA GLY B 41 16.36 26.70 -11.45
C GLY B 41 15.31 27.38 -12.34
N ARG B 42 15.34 27.15 -13.64
CA ARG B 42 14.35 27.88 -14.44
C ARG B 42 12.97 27.22 -14.39
N ARG B 43 11.96 28.07 -14.50
CA ARG B 43 10.58 27.66 -14.44
C ARG B 43 9.86 28.09 -15.68
N ILE B 44 8.93 27.25 -16.12
CA ILE B 44 8.04 27.56 -17.22
C ILE B 44 6.66 27.41 -16.64
N GLY B 45 5.57 28.13 -16.99
CA GLY B 45 4.33 27.85 -16.28
C GLY B 45 3.21 28.78 -16.69
N HIS B 46 2.17 28.78 -15.89
CA HIS B 46 0.97 29.53 -16.18
C HIS B 46 0.31 29.81 -14.85
N ARG B 47 -0.08 31.08 -14.63
CA ARG B 47 -0.68 31.55 -13.40
C ARG B 47 0.11 31.03 -12.18
N GLN B 48 1.43 31.12 -12.26
CA GLN B 48 2.30 30.45 -11.28
C GLN B 48 2.22 31.06 -9.89
N ASP B 49 1.76 32.32 -9.81
CA ASP B 49 1.66 33.00 -8.53
C ASP B 49 0.27 33.23 -8.01
N GLU B 50 -0.74 32.55 -8.61
CA GLU B 50 -2.12 32.69 -8.13
C GLU B 50 -2.40 31.59 -7.16
N ARG B 51 -3.27 31.87 -6.20
CA ARG B 51 -3.61 30.87 -5.20
C ARG B 51 -4.65 29.86 -5.63
N PHE B 52 -4.42 28.59 -5.32
CA PHE B 52 -5.37 27.52 -5.57
C PHE B 52 -5.53 26.70 -4.28
N PRO B 53 -6.67 26.01 -4.11
CA PRO B 53 -6.84 25.18 -2.92
C PRO B 53 -5.91 23.99 -3.01
N MET B 54 -5.22 23.64 -1.91
CA MET B 54 -4.34 22.45 -1.99
C MET B 54 -5.13 21.14 -2.10
N CYS B 55 -6.29 21.09 -1.47
CA CYS B 55 -6.96 19.81 -1.28
C CYS B 55 -5.89 18.81 -0.76
N SER B 56 -5.97 17.57 -1.20
CA SER B 56 -5.08 16.54 -0.67
C SER B 56 -3.61 16.75 -0.98
N THR B 57 -3.25 17.66 -1.88
CA THR B 57 -1.83 17.79 -2.15
C THR B 57 -1.09 18.24 -0.89
N PHE B 58 -1.79 18.85 0.08
CA PHE B 58 -1.13 19.27 1.34
C PHE B 58 -0.59 18.06 2.12
N LYS B 59 -1.16 16.85 1.90
CA LYS B 59 -0.72 15.68 2.66
C LYS B 59 0.73 15.39 2.49
N SER B 60 1.31 15.76 1.33
CA SER B 60 2.75 15.55 1.14
C SER B 60 3.51 16.31 2.25
N MET B 61 3.03 17.49 2.60
CA MET B 61 3.72 18.32 3.59
C MET B 61 3.31 17.93 5.01
N LEU B 62 2.12 17.35 5.18
CA LEU B 62 1.78 16.80 6.48
C LEU B 62 2.73 15.62 6.77
N ALA B 63 2.94 14.72 5.80
CA ALA B 63 3.89 13.65 6.02
C ALA B 63 5.31 14.17 6.25
N ALA B 64 5.71 15.19 5.50
CA ALA B 64 7.08 15.77 5.71
C ALA B 64 7.18 16.32 7.15
N THR B 65 6.10 16.94 7.63
CA THR B 65 6.09 17.48 8.99
C THR B 65 6.28 16.35 10.01
N VAL B 66 5.53 15.27 9.85
CA VAL B 66 5.73 14.14 10.73
C VAL B 66 7.17 13.67 10.72
N LEU B 67 7.77 13.52 9.52
CA LEU B 67 9.12 13.03 9.46
C LEU B 67 10.09 14.01 10.15
N SER B 68 9.85 15.29 9.96
CA SER B 68 10.73 16.27 10.59
C SER B 68 10.67 16.17 12.12
N GLN B 69 9.49 15.97 12.68
CA GLN B 69 9.36 15.79 14.15
C GLN B 69 9.99 14.49 14.65
N ALA B 70 9.86 13.43 13.85
CA ALA B 70 10.38 12.11 14.20
C ALA B 70 11.91 12.09 14.18
N GLU B 71 12.54 13.03 13.49
CA GLU B 71 13.99 13.09 13.47
C GLU B 71 14.44 13.40 14.88
N ARG B 72 13.57 14.04 15.65
CA ARG B 72 13.92 14.42 17.00
C ARG B 72 13.39 13.47 18.03
N MET B 73 12.34 12.74 17.67
CA MET B 73 11.78 11.66 18.51
C MET B 73 11.55 10.42 17.62
N PRO B 74 12.51 9.66 17.39
CA PRO B 74 12.35 8.59 16.37
C PRO B 74 11.27 7.57 16.71
N ALA B 75 11.02 7.36 17.99
CA ALA B 75 9.97 6.38 18.33
C ALA B 75 8.60 6.88 17.84
N LEU B 76 8.53 8.15 17.42
CA LEU B 76 7.24 8.72 17.04
C LEU B 76 6.67 7.93 15.85
N LEU B 77 7.54 7.49 14.95
CA LEU B 77 7.01 6.77 13.75
C LEU B 77 6.38 5.42 14.13
N ASP B 78 6.85 4.83 15.25
CA ASP B 78 6.28 3.57 15.70
C ASP B 78 5.16 3.69 16.71
N ARG B 79 4.83 4.91 17.10
CA ARG B 79 3.74 5.09 18.04
C ARG B 79 2.47 4.61 17.40
N ARG B 80 1.64 3.92 18.14
CA ARG B 80 0.35 3.52 17.58
C ARG B 80 -0.78 4.42 18.01
N VAL B 81 -1.64 4.78 17.07
CA VAL B 81 -2.76 5.70 17.29
C VAL B 81 -4.07 4.95 17.05
N PRO B 82 -5.00 5.03 17.99
CA PRO B 82 -6.27 4.31 17.80
C PRO B 82 -7.09 4.93 16.68
N VAL B 83 -7.75 4.05 15.97
CA VAL B 83 -8.66 4.45 14.93
C VAL B 83 -10.06 4.10 15.44
N GLY B 84 -10.85 5.13 15.70
CA GLY B 84 -12.19 4.94 16.19
C GLY B 84 -13.25 5.00 15.12
N GLU B 85 -14.39 4.29 15.33
CA GLU B 85 -15.50 4.38 14.39
C GLU B 85 -15.83 5.84 14.17
N ALA B 86 -15.71 6.64 15.21
CA ALA B 86 -16.04 8.07 15.12
C ALA B 86 -15.06 8.91 14.27
N ASP B 87 -13.88 8.38 14.04
CA ASP B 87 -12.86 9.09 13.25
C ASP B 87 -13.09 8.85 11.78
N LEU B 88 -13.85 7.82 11.44
CA LEU B 88 -13.97 7.46 10.01
C LEU B 88 -14.71 8.50 9.19
N LEU B 89 -14.09 8.87 8.08
CA LEU B 89 -14.71 9.78 7.14
C LEU B 89 -15.06 8.98 5.87
N SER B 90 -15.73 9.67 4.94
CA SER B 90 -16.16 9.09 3.66
C SER B 90 -15.07 8.38 2.88
N HIS B 91 -13.90 9.01 2.82
CA HIS B 91 -12.79 8.43 2.09
C HIS B 91 -11.83 7.91 3.15
N ALA B 92 -11.89 6.61 3.47
CA ALA B 92 -10.98 6.03 4.46
C ALA B 92 -10.65 4.61 4.01
N PRO B 93 -10.12 4.43 2.80
CA PRO B 93 -9.88 3.08 2.27
C PRO B 93 -8.94 2.22 3.09
N VAL B 94 -7.99 2.78 3.82
CA VAL B 94 -7.09 1.95 4.61
C VAL B 94 -7.56 1.92 6.06
N THR B 95 -7.83 3.10 6.64
CA THR B 95 -8.18 3.15 8.07
C THR B 95 -9.48 2.40 8.36
N ARG B 96 -10.38 2.31 7.39
CA ARG B 96 -11.63 1.52 7.64
C ARG B 96 -11.36 0.10 8.08
N ARG B 97 -10.25 -0.48 7.61
CA ARG B 97 -9.92 -1.88 7.95
C ARG B 97 -9.48 -2.03 9.38
N HIS B 98 -9.02 -0.91 9.98
CA HIS B 98 -8.45 -0.91 11.32
C HIS B 98 -9.29 -0.20 12.40
N ALA B 99 -10.55 -0.01 12.09
CA ALA B 99 -11.44 0.69 13.04
C ALA B 99 -11.61 -0.24 14.21
N GLY B 100 -11.46 0.29 15.41
CA GLY B 100 -11.55 -0.55 16.59
C GLY B 100 -10.18 -1.04 17.11
N LYS B 101 -9.08 -0.76 16.40
CA LYS B 101 -7.75 -1.12 16.82
C LYS B 101 -6.89 0.09 16.54
N ASP B 102 -5.61 -0.10 16.33
CA ASP B 102 -4.74 1.05 16.10
C ASP B 102 -3.78 0.85 14.90
N MET B 103 -3.02 1.88 14.56
CA MET B 103 -2.07 1.81 13.42
C MET B 103 -0.83 2.61 13.81
N THR B 104 0.33 2.26 13.28
CA THR B 104 1.51 3.13 13.54
C THR B 104 1.42 4.43 12.78
N VAL B 105 2.07 5.46 13.33
CA VAL B 105 2.14 6.75 12.68
C VAL B 105 2.75 6.54 11.25
N ARG B 106 3.76 5.70 11.15
CA ARG B 106 4.42 5.51 9.83
C ARG B 106 3.44 4.94 8.82
N ASP B 107 2.62 4.00 9.26
CA ASP B 107 1.68 3.43 8.30
C ASP B 107 0.54 4.40 7.97
N LEU B 108 0.17 5.22 8.95
CA LEU B 108 -0.80 6.31 8.66
C LEU B 108 -0.21 7.27 7.60
N CYS B 109 1.10 7.57 7.72
CA CYS B 109 1.75 8.43 6.75
C CYS B 109 1.63 7.82 5.38
N ARG B 110 1.99 6.54 5.28
CA ARG B 110 1.93 5.86 3.97
C ARG B 110 0.50 5.94 3.43
N ALA B 111 -0.48 5.64 4.24
CA ALA B 111 -1.88 5.60 3.77
C ALA B 111 -2.37 6.91 3.21
N THR B 112 -1.98 8.00 3.86
CA THR B 112 -2.47 9.30 3.47
C THR B 112 -1.79 9.82 2.21
N ILE B 113 -0.59 9.34 1.91
CA ILE B 113 0.04 9.73 0.65
C ILE B 113 -0.50 8.87 -0.47
N ILE B 114 -0.56 7.55 -0.31
CA ILE B 114 -0.82 6.74 -1.52
C ILE B 114 -2.28 6.40 -1.83
N THR B 115 -3.18 6.72 -0.90
N THR B 115 -3.18 6.59 -0.86
CA THR B 115 -4.62 6.55 -1.13
CA THR B 115 -4.63 6.34 -1.09
C THR B 115 -5.34 7.88 -0.88
C THR B 115 -5.40 7.61 -0.79
N SER B 116 -6.67 7.82 -0.96
N SER B 116 -4.72 8.57 -0.18
CA SER B 116 -7.50 8.98 -0.72
CA SER B 116 -5.33 9.84 0.20
C SER B 116 -7.74 9.18 0.76
C SER B 116 -6.47 9.72 1.22
N ASP B 117 -7.18 8.31 1.58
N ASP B 117 -6.43 8.64 1.97
CA ASP B 117 -7.46 8.35 3.04
CA ASP B 117 -7.34 8.38 3.10
C ASP B 117 -7.40 9.73 3.78
C ASP B 117 -7.39 9.64 3.94
N ASN B 118 -8.58 10.19 4.17
CA ASN B 118 -8.70 11.44 4.91
C ASN B 118 -8.71 11.24 6.42
N THR B 119 -9.17 10.09 6.90
CA THR B 119 -9.12 9.76 8.34
C THR B 119 -7.67 9.67 8.79
N ALA B 120 -6.82 9.05 8.00
CA ALA B 120 -5.40 9.00 8.36
C ALA B 120 -4.80 10.40 8.56
N ALA B 121 -5.17 11.33 7.68
CA ALA B 121 -4.65 12.72 7.77
C ALA B 121 -5.10 13.38 9.06
N ASN B 122 -6.35 13.20 9.43
CA ASN B 122 -6.81 13.82 10.71
C ASN B 122 -6.11 13.22 11.94
N LEU B 123 -5.86 11.90 11.93
CA LEU B 123 -5.18 11.27 13.06
C LEU B 123 -3.77 11.80 13.16
N LEU B 124 -3.13 11.98 12.02
CA LEU B 124 -1.78 12.54 12.00
C LEU B 124 -1.75 14.01 12.45
N PHE B 125 -2.76 14.80 12.06
CA PHE B 125 -2.81 16.18 12.60
C PHE B 125 -2.79 16.15 14.14
N GLY B 126 -3.52 15.21 14.76
CA GLY B 126 -3.52 15.03 16.22
C GLY B 126 -2.15 14.78 16.80
N VAL B 127 -1.33 14.02 16.11
CA VAL B 127 0.01 13.74 16.57
C VAL B 127 0.98 14.91 16.49
N VAL B 128 0.87 15.71 15.43
CA VAL B 128 1.88 16.74 15.17
C VAL B 128 1.58 18.13 15.76
N GLY B 129 0.35 18.37 16.24
CA GLY B 129 0.01 19.74 16.72
C GLY B 129 -0.91 20.48 15.75
N GLY B 130 -1.55 19.73 14.86
CA GLY B 130 -2.57 20.36 13.96
C GLY B 130 -2.01 21.12 12.78
N PRO B 131 -2.91 21.78 12.02
CA PRO B 131 -2.53 22.61 10.88
C PRO B 131 -1.44 23.63 11.20
N PRO B 132 -1.44 24.21 12.39
CA PRO B 132 -0.34 25.13 12.70
C PRO B 132 1.04 24.49 12.67
N ALA B 133 1.14 23.23 13.04
CA ALA B 133 2.46 22.56 12.98
C ALA B 133 2.93 22.40 11.54
N VAL B 134 2.00 22.12 10.64
CA VAL B 134 2.35 22.02 9.21
C VAL B 134 2.76 23.39 8.64
N THR B 135 2.00 24.42 8.97
CA THR B 135 2.39 25.76 8.54
C THR B 135 3.74 26.15 9.11
N ALA B 136 3.98 25.89 10.40
CA ALA B 136 5.30 26.25 10.97
C ALA B 136 6.46 25.52 10.26
N PHE B 137 6.25 24.26 9.96
CA PHE B 137 7.24 23.51 9.23
C PHE B 137 7.49 24.16 7.86
N LEU B 138 6.41 24.56 7.18
CA LEU B 138 6.58 25.19 5.87
C LEU B 138 7.39 26.52 5.96
N ARG B 139 7.08 27.32 6.97
CA ARG B 139 7.81 28.59 7.14
C ARG B 139 9.28 28.34 7.40
N ALA B 140 9.57 27.38 8.26
CA ALA B 140 10.98 27.11 8.56
C ALA B 140 11.70 26.57 7.36
N SER B 141 10.98 25.91 6.47
CA SER B 141 11.59 25.43 5.25
C SER B 141 11.74 26.55 4.18
N GLY B 142 11.21 27.73 4.43
CA GLY B 142 11.39 28.81 3.46
C GLY B 142 10.17 29.14 2.61
N ASP B 143 9.05 28.47 2.86
CA ASP B 143 7.82 28.75 2.09
C ASP B 143 6.98 29.76 2.83
N THR B 144 6.79 30.95 2.25
CA THR B 144 6.01 31.98 2.91
C THR B 144 4.61 32.06 2.38
N VAL B 145 4.28 31.15 1.47
CA VAL B 145 2.97 31.25 0.78
C VAL B 145 1.98 30.17 1.16
N SER B 146 2.43 28.91 1.09
CA SER B 146 1.54 27.80 1.45
C SER B 146 1.06 27.86 2.90
N ARG B 147 -0.15 27.42 3.15
CA ARG B 147 -0.64 27.40 4.52
C ARG B 147 -1.68 26.34 4.74
N SER B 148 -1.57 25.67 5.90
CA SER B 148 -2.54 24.70 6.34
C SER B 148 -3.32 25.30 7.50
N ASP B 149 -4.64 25.20 7.44
CA ASP B 149 -5.48 25.91 8.40
C ASP B 149 -6.57 25.07 8.98
N ARG B 150 -7.07 24.13 8.22
CA ARG B 150 -8.24 23.35 8.67
C ARG B 150 -8.00 21.83 8.68
N LEU B 151 -8.91 21.09 9.31
CA LEU B 151 -8.87 19.63 9.33
C LEU B 151 -9.67 19.06 8.18
N GLU B 152 -9.63 17.74 8.01
CA GLU B 152 -10.45 17.12 6.98
C GLU B 152 -11.84 16.99 7.54
N PRO B 153 -12.87 17.12 6.71
CA PRO B 153 -12.75 17.40 5.29
C PRO B 153 -12.90 18.85 4.91
N GLU B 154 -13.09 19.70 5.90
CA GLU B 154 -13.28 21.11 5.58
C GLU B 154 -12.18 21.83 4.81
N LEU B 155 -10.94 21.39 4.95
CA LEU B 155 -9.84 22.07 4.29
C LEU B 155 -9.95 22.03 2.76
N ASN B 156 -10.78 21.14 2.26
CA ASN B 156 -10.94 21.01 0.81
C ASN B 156 -11.84 22.09 0.19
N SER B 157 -12.48 22.88 1.03
CA SER B 157 -13.34 23.98 0.56
C SER B 157 -12.54 25.16 0.11
N PHE B 158 -12.99 25.83 -0.94
CA PHE B 158 -12.28 26.99 -1.42
C PHE B 158 -13.25 28.13 -1.77
N ALA B 159 -12.82 29.36 -1.54
CA ALA B 159 -13.60 30.55 -1.94
C ALA B 159 -12.63 31.61 -2.39
N LYS B 160 -12.91 32.27 -3.51
CA LYS B 160 -12.04 33.36 -3.96
C LYS B 160 -11.80 34.37 -2.85
N GLY B 161 -10.53 34.67 -2.58
CA GLY B 161 -10.18 35.61 -1.56
C GLY B 161 -10.02 35.01 -0.17
N ASP B 162 -10.34 33.73 0.01
CA ASP B 162 -10.12 33.11 1.32
C ASP B 162 -8.84 32.27 1.14
N PRO B 163 -7.74 32.64 1.76
CA PRO B 163 -6.47 31.95 1.52
C PRO B 163 -6.27 30.69 2.33
N ARG B 164 -7.23 30.28 3.15
CA ARG B 164 -7.00 29.08 3.99
C ARG B 164 -6.73 27.83 3.13
N ASP B 165 -5.74 27.04 3.54
CA ASP B 165 -5.39 25.79 2.84
C ASP B 165 -5.09 25.97 1.37
N THR B 166 -4.40 27.05 1.04
CA THR B 166 -4.01 27.28 -0.34
C THR B 166 -2.50 27.29 -0.53
N THR B 167 -2.09 27.24 -1.78
CA THR B 167 -0.72 27.45 -2.16
C THR B 167 -0.73 28.05 -3.53
N THR B 168 0.44 28.28 -4.10
CA THR B 168 0.49 28.63 -5.54
C THR B 168 1.35 27.61 -6.22
N PRO B 169 1.20 27.47 -7.52
CA PRO B 169 2.03 26.49 -8.23
C PRO B 169 3.52 26.68 -8.03
N ALA B 170 3.99 27.91 -8.09
CA ALA B 170 5.40 28.20 -7.94
C ALA B 170 5.90 27.88 -6.53
N ALA B 171 5.10 28.24 -5.54
CA ALA B 171 5.52 28.00 -4.14
C ALA B 171 5.61 26.53 -3.82
N MET B 172 4.58 25.78 -4.24
CA MET B 172 4.61 24.33 -3.98
C MET B 172 5.75 23.64 -4.76
N ALA B 173 6.02 24.09 -5.99
CA ALA B 173 7.10 23.49 -6.73
C ALA B 173 8.43 23.70 -5.98
N ALA B 174 8.70 24.89 -5.52
CA ALA B 174 9.92 25.17 -4.79
C ALA B 174 9.99 24.36 -3.50
N THR B 175 8.87 24.26 -2.82
CA THR B 175 8.84 23.48 -1.55
C THR B 175 9.06 22.01 -1.81
N LEU B 176 8.46 21.48 -2.88
CA LEU B 176 8.71 20.08 -3.19
C LEU B 176 10.16 19.88 -3.50
N GLN B 177 10.78 20.81 -4.23
CA GLN B 177 12.22 20.67 -4.46
C GLN B 177 13.03 20.67 -3.14
N ARG B 178 12.77 21.61 -2.26
CA ARG B 178 13.55 21.66 -1.01
C ARG B 178 13.31 20.47 -0.11
N VAL B 179 12.09 19.99 -0.07
CA VAL B 179 11.74 18.95 0.87
C VAL B 179 12.01 17.56 0.35
N VAL B 180 11.65 17.33 -0.91
CA VAL B 180 11.83 16.00 -1.46
C VAL B 180 13.26 15.79 -1.93
N LEU B 181 13.87 16.82 -2.48
CA LEU B 181 15.19 16.67 -3.10
C LEU B 181 16.33 17.38 -2.37
N GLY B 182 15.99 18.29 -1.47
CA GLY B 182 16.99 19.13 -0.83
C GLY B 182 17.37 18.73 0.56
N GLU B 183 17.74 19.71 1.38
CA GLU B 183 18.27 19.37 2.68
C GLU B 183 17.40 19.73 3.84
N VAL B 184 16.11 20.00 3.64
CA VAL B 184 15.23 20.28 4.78
C VAL B 184 15.12 19.07 5.72
N LEU B 185 14.99 17.86 5.16
CA LEU B 185 14.95 16.66 5.98
C LEU B 185 16.29 15.91 5.92
N GLN B 186 16.51 14.99 6.84
CA GLN B 186 17.71 14.13 6.77
C GLN B 186 17.53 13.12 5.63
N PRO B 187 18.62 12.62 5.08
CA PRO B 187 18.53 11.71 3.92
C PRO B 187 17.59 10.55 4.09
N ALA B 188 17.60 9.91 5.24
CA ALA B 188 16.73 8.75 5.40
C ALA B 188 15.22 9.19 5.34
N SER B 189 14.93 10.37 5.90
CA SER B 189 13.56 10.89 5.89
C SER B 189 13.17 11.25 4.48
N ARG B 190 14.02 11.98 3.78
CA ARG B 190 13.57 12.39 2.48
C ARG B 190 13.39 11.24 1.50
N GLN B 191 14.21 10.22 1.66
CA GLN B 191 14.08 9.03 0.80
C GLN B 191 12.78 8.27 1.13
N GLN B 192 12.40 8.23 2.41
CA GLN B 192 11.15 7.52 2.75
C GLN B 192 9.99 8.26 2.13
N LEU B 193 10.05 9.59 2.17
CA LEU B 193 8.98 10.40 1.59
C LEU B 193 8.92 10.23 0.05
N ALA B 194 10.08 10.23 -0.59
CA ALA B 194 10.10 10.01 -2.04
C ALA B 194 9.50 8.67 -2.36
N ASP B 195 9.82 7.65 -1.55
CA ASP B 195 9.30 6.30 -1.88
C ASP B 195 7.78 6.28 -1.77
N TRP B 196 7.21 6.95 -0.77
CA TRP B 196 5.77 7.00 -0.69
C TRP B 196 5.17 7.68 -1.93
N LEU B 197 5.75 8.79 -2.35
CA LEU B 197 5.25 9.47 -3.59
C LEU B 197 5.33 8.54 -4.81
N ILE B 198 6.43 7.81 -4.95
CA ILE B 198 6.59 6.89 -6.07
C ILE B 198 5.53 5.77 -6.01
N ASP B 199 5.12 5.42 -4.81
CA ASP B 199 4.13 4.35 -4.65
C ASP B 199 2.68 4.81 -4.74
N ASN B 200 2.46 6.07 -5.09
CA ASN B 200 1.08 6.56 -5.10
C ASN B 200 0.14 5.78 -6.01
N GLU B 201 -1.10 5.52 -5.52
CA GLU B 201 -2.07 4.75 -6.30
C GLU B 201 -3.25 5.56 -6.83
N THR B 202 -3.31 6.87 -6.54
CA THR B 202 -4.50 7.62 -6.94
C THR B 202 -4.31 8.42 -8.22
N GLY B 203 -3.10 8.39 -8.79
CA GLY B 203 -2.76 9.31 -9.87
C GLY B 203 -2.57 8.77 -11.28
N ASP B 204 -3.11 7.61 -11.53
CA ASP B 204 -2.82 6.98 -12.82
C ASP B 204 -3.44 7.71 -13.98
N ALA B 205 -4.50 8.47 -13.75
CA ALA B 205 -5.17 9.11 -14.88
C ALA B 205 -4.79 10.58 -15.00
N CYS B 206 -3.87 11.03 -14.13
CA CYS B 206 -3.55 12.43 -14.09
C CYS B 206 -2.21 12.68 -14.76
N LEU B 207 -1.27 13.35 -14.08
CA LEU B 207 0.02 13.61 -14.78
C LEU B 207 0.68 12.37 -15.36
N ARG B 208 0.67 11.27 -14.62
CA ARG B 208 1.34 10.07 -15.09
C ARG B 208 0.82 9.60 -16.45
N ALA B 209 -0.46 9.82 -16.71
CA ALA B 209 -1.06 9.34 -17.99
C ALA B 209 -0.46 10.08 -19.20
N GLY B 210 0.05 11.27 -18.94
CA GLY B 210 0.62 12.09 -20.00
C GLY B 210 2.13 12.03 -20.10
N LEU B 211 2.78 11.43 -19.10
CA LEU B 211 4.25 11.41 -19.06
C LEU B 211 4.80 10.13 -19.60
N GLY B 212 5.90 10.23 -20.36
CA GLY B 212 6.52 9.04 -20.95
C GLY B 212 7.32 8.12 -20.03
N LYS B 213 7.66 6.93 -20.53
CA LYS B 213 8.40 5.92 -19.74
C LYS B 213 9.78 6.36 -19.29
N ARG B 214 10.32 7.44 -19.84
CA ARG B 214 11.65 7.86 -19.41
C ARG B 214 11.67 8.46 -17.99
N TRP B 215 10.49 8.64 -17.39
CA TRP B 215 10.43 9.22 -16.06
C TRP B 215 9.96 8.20 -15.04
N ARG B 216 10.71 8.08 -13.94
CA ARG B 216 10.15 7.60 -12.65
C ARG B 216 9.40 8.71 -11.94
N VAL B 217 8.08 8.55 -11.69
CA VAL B 217 7.27 9.61 -11.14
C VAL B 217 6.80 9.33 -9.72
N GLY B 218 7.05 10.25 -8.78
CA GLY B 218 6.29 10.29 -7.53
C GLY B 218 5.31 11.47 -7.57
N ASP B 219 4.10 11.25 -7.10
CA ASP B 219 3.14 12.35 -7.15
C ASP B 219 2.12 12.32 -5.98
N LYS B 220 1.39 13.40 -5.81
CA LYS B 220 0.31 13.43 -4.85
C LYS B 220 -0.84 14.19 -5.48
N THR B 221 -2.02 13.60 -5.52
CA THR B 221 -3.18 14.28 -6.08
C THR B 221 -3.97 15.02 -5.05
N GLY B 222 -4.97 15.78 -5.52
CA GLY B 222 -5.91 16.39 -4.58
C GLY B 222 -7.16 16.79 -5.36
N SER B 223 -8.33 16.67 -4.77
CA SER B 223 -9.50 17.13 -5.51
C SER B 223 -10.58 17.43 -4.51
N ASN B 224 -11.63 18.16 -4.91
CA ASN B 224 -12.82 18.26 -4.08
C ASN B 224 -14.09 17.99 -4.92
N GLY B 225 -15.25 18.05 -4.29
CA GLY B 225 -16.53 17.80 -4.97
C GLY B 225 -17.09 19.00 -5.73
N GLU B 226 -16.29 20.09 -5.73
CA GLU B 226 -16.74 21.29 -6.46
C GLU B 226 -16.09 21.29 -7.82
N ASP B 227 -14.93 21.93 -7.95
CA ASP B 227 -14.31 22.03 -9.25
C ASP B 227 -12.81 21.86 -9.30
N ALA B 228 -12.21 21.50 -8.17
CA ALA B 228 -10.74 21.41 -8.11
C ALA B 228 -10.18 20.02 -8.33
N ARG B 229 -9.16 19.93 -9.18
CA ARG B 229 -8.43 18.68 -9.34
C ARG B 229 -6.96 19.04 -9.54
N ASN B 230 -6.09 18.46 -8.70
CA ASN B 230 -4.68 18.87 -8.69
C ASN B 230 -3.75 17.67 -8.68
N ASP B 231 -2.51 17.86 -9.08
CA ASP B 231 -1.54 16.78 -8.99
C ASP B 231 -0.15 17.44 -8.94
N ILE B 232 0.67 17.07 -7.96
CA ILE B 232 2.04 17.61 -7.91
C ILE B 232 3.01 16.44 -8.02
N ALA B 233 4.11 16.64 -8.71
CA ALA B 233 4.96 15.50 -8.99
C ALA B 233 6.42 15.83 -9.05
N VAL B 234 7.23 14.80 -8.78
CA VAL B 234 8.68 14.89 -8.93
C VAL B 234 8.97 13.89 -10.00
N LEU B 235 9.73 14.31 -11.02
CA LEU B 235 10.03 13.42 -12.13
C LEU B 235 11.52 13.11 -12.13
N TRP B 236 11.88 11.87 -11.91
CA TRP B 236 13.30 11.46 -11.93
C TRP B 236 13.58 10.78 -13.27
N PRO B 237 14.63 11.18 -13.97
CA PRO B 237 14.91 10.50 -15.24
C PRO B 237 15.45 9.12 -14.96
N VAL B 238 14.84 8.12 -15.57
CA VAL B 238 15.30 6.76 -15.34
C VAL B 238 16.78 6.59 -15.76
N ALA B 239 17.16 7.22 -16.85
CA ALA B 239 18.54 7.10 -17.35
C ALA B 239 19.57 7.84 -16.51
N GLY B 240 19.10 8.70 -15.60
CA GLY B 240 20.00 9.48 -14.77
C GLY B 240 19.99 10.95 -15.13
N GLY B 241 20.33 11.79 -14.18
CA GLY B 241 20.33 13.22 -14.45
C GLY B 241 19.52 13.97 -13.41
N ALA B 242 19.25 15.22 -13.68
CA ALA B 242 18.59 16.07 -12.71
C ALA B 242 17.06 15.90 -12.80
N PRO B 243 16.40 15.80 -11.67
CA PRO B 243 14.93 15.73 -11.66
C PRO B 243 14.26 17.03 -12.04
N TRP B 244 12.99 16.93 -12.41
CA TRP B 244 12.17 18.08 -12.65
C TRP B 244 10.99 18.02 -11.66
N VAL B 245 10.43 19.17 -11.35
CA VAL B 245 9.24 19.24 -10.50
C VAL B 245 8.12 19.82 -11.32
N LEU B 246 6.90 19.28 -11.16
CA LEU B 246 5.79 19.75 -11.98
C LEU B 246 4.61 19.86 -11.08
N THR B 247 4.05 21.06 -10.92
CA THR B 247 2.87 21.18 -10.09
C THR B 247 1.72 21.61 -11.00
N ALA B 248 0.56 21.02 -10.81
CA ALA B 248 -0.59 21.43 -11.60
C ALA B 248 -1.86 21.55 -10.76
N TYR B 249 -2.47 22.74 -10.79
CA TYR B 249 -3.65 23.04 -10.02
C TYR B 249 -4.72 23.48 -11.00
N LEU B 250 -5.88 22.87 -10.91
CA LEU B 250 -6.97 23.19 -11.87
C LEU B 250 -8.29 23.45 -11.17
N GLN B 251 -8.99 24.52 -11.51
CA GLN B 251 -10.42 24.65 -11.21
C GLN B 251 -11.20 24.64 -12.50
N ALA B 252 -12.15 23.73 -12.70
CA ALA B 252 -12.84 23.66 -13.99
C ALA B 252 -14.20 23.06 -13.77
N GLY B 253 -15.16 23.88 -13.38
CA GLY B 253 -16.44 23.35 -12.97
C GLY B 253 -17.41 23.11 -14.12
N ALA B 254 -17.01 23.48 -15.31
CA ALA B 254 -17.89 23.29 -16.48
C ALA B 254 -17.74 21.94 -17.11
N ILE B 255 -16.65 21.22 -16.75
CA ILE B 255 -16.38 19.88 -17.27
C ILE B 255 -16.56 18.87 -16.15
N SER B 256 -16.61 17.58 -16.47
CA SER B 256 -16.87 16.59 -15.43
C SER B 256 -15.61 16.29 -14.67
N TYR B 257 -15.78 15.61 -13.55
CA TYR B 257 -14.65 15.20 -12.70
C TYR B 257 -13.64 14.39 -13.50
N GLU B 258 -14.13 13.45 -14.32
CA GLU B 258 -13.23 12.64 -15.14
C GLU B 258 -12.50 13.48 -16.18
N GLN B 259 -13.17 14.46 -16.77
CA GLN B 259 -12.50 15.30 -17.74
C GLN B 259 -11.43 16.20 -17.04
N ARG B 260 -11.61 16.52 -15.77
CA ARG B 260 -10.56 17.30 -15.06
C ARG B 260 -9.24 16.49 -15.03
N ALA B 261 -9.34 15.17 -14.86
CA ALA B 261 -8.14 14.35 -14.97
C ALA B 261 -7.52 14.41 -16.38
N SER B 262 -8.35 14.35 -17.42
CA SER B 262 -7.81 14.48 -18.78
C SER B 262 -7.04 15.77 -18.96
N VAL B 263 -7.50 16.83 -18.34
CA VAL B 263 -6.77 18.11 -18.45
C VAL B 263 -5.40 17.93 -17.80
N LEU B 264 -5.35 17.30 -16.62
CA LEU B 264 -4.02 17.10 -16.00
C LEU B 264 -3.12 16.17 -16.83
N ALA B 265 -3.70 15.14 -17.46
CA ALA B 265 -2.89 14.27 -18.32
C ALA B 265 -2.30 15.12 -19.47
N GLN B 266 -3.10 16.02 -19.99
CA GLN B 266 -2.60 16.87 -21.10
C GLN B 266 -1.48 17.79 -20.59
N VAL B 267 -1.61 18.32 -19.36
CA VAL B 267 -0.48 19.06 -18.79
C VAL B 267 0.81 18.21 -18.83
N GLY B 268 0.70 16.95 -18.46
CA GLY B 268 1.81 16.03 -18.53
C GLY B 268 2.39 15.91 -19.93
N ARG B 269 1.52 15.80 -20.93
CA ARG B 269 2.03 15.64 -22.32
C ARG B 269 2.77 16.87 -22.75
N ILE B 270 2.20 18.04 -22.45
CA ILE B 270 2.83 19.32 -22.81
C ILE B 270 4.18 19.45 -22.17
N ALA B 271 4.23 19.12 -20.88
CA ALA B 271 5.46 19.25 -20.09
C ALA B 271 6.55 18.37 -20.65
N ASP B 272 6.16 17.15 -21.01
CA ASP B 272 7.12 16.20 -21.54
C ASP B 272 7.74 16.74 -22.87
N ARG B 273 6.93 17.45 -23.66
CA ARG B 273 7.38 18.02 -24.92
C ARG B 273 8.32 19.20 -24.60
N LEU B 274 8.00 19.97 -23.57
CA LEU B 274 8.82 21.12 -23.21
C LEU B 274 10.19 20.76 -22.65
N ILE B 275 10.27 19.64 -21.93
CA ILE B 275 11.55 19.23 -21.34
C ILE B 275 12.50 18.79 -22.46
N GLY B 276 11.93 18.22 -23.51
CA GLY B 276 12.69 17.80 -24.68
C GLY B 276 13.64 16.64 -24.45
S SO4 C . 0.09 -15.66 -4.71
O1 SO4 C . -0.38 -15.58 -3.34
O2 SO4 C . 1.34 -16.43 -4.85
O3 SO4 C . -0.97 -16.27 -5.47
O4 SO4 C . 0.37 -14.29 -5.15
S SO4 D . 15.77 -30.35 -7.86
O1 SO4 D . 16.12 -29.21 -6.99
O2 SO4 D . 16.06 -31.60 -7.17
O3 SO4 D . 14.35 -30.31 -8.23
O4 SO4 D . 16.56 -30.29 -9.09
S SO4 E . -7.57 12.84 -3.55
O1 SO4 E . -6.15 12.87 -3.79
O2 SO4 E . -8.21 13.38 -4.76
O3 SO4 E . -8.04 11.52 -3.37
O4 SO4 E . -7.95 13.58 -2.36
S SO4 F . -16.06 29.15 7.89
O1 SO4 F . -17.47 28.75 7.94
O2 SO4 F . -15.27 28.29 8.77
O3 SO4 F . -15.61 29.01 6.51
O4 SO4 F . -15.91 30.53 8.31
#